data_4N82
#
_entry.id   4N82
#
_cell.length_a   104.726
_cell.length_b   56.612
_cell.length_c   73.387
_cell.angle_alpha   90.000
_cell.angle_beta   106.130
_cell.angle_gamma   90.000
#
_symmetry.space_group_name_H-M   'C 1 2 1'
#
loop_
_entity.id
_entity.type
_entity.pdbx_description
1 polymer 'Ribonucleotide reductase'
2 non-polymer 'FLAVIN MONONUCLEOTIDE'
3 non-polymer 'SULFATE ION'
4 water water
#
_entity_poly.entity_id   1
_entity_poly.type   'polypeptide(L)'
_entity_poly.pdbx_seq_one_letter_code
;MGSSHHHHHHSSGLVPRGSHMTKVSLVYISLSGNTESFVRRLTDYLLEQHPSLEVEKIHIKDLVKERQPFFEMDNPFIAF
LPTYLEGGNGVDNGDVEILTTDVGDFIAYGQNASKCLGVIGSGNRNFNNQYCLTAKQYSERFGFPVLADFEMRGMLGDIK
KVAGIIEELYHIEKNENQ
;
_entity_poly.pdbx_strand_id   B,A
#
loop_
_chem_comp.id
_chem_comp.type
_chem_comp.name
_chem_comp.formula
FMN non-polymer 'FLAVIN MONONUCLEOTIDE' 'C17 H21 N4 O9 P'
SO4 non-polymer 'SULFATE ION' 'O4 S -2'
#
# COMPACT_ATOMS: atom_id res chain seq x y z
N THR A 22 -18.33 4.14 30.31
CA THR A 22 -18.00 3.23 29.17
C THR A 22 -16.83 3.78 28.33
N LYS A 23 -15.94 2.88 27.92
CA LYS A 23 -14.79 3.26 27.12
C LYS A 23 -14.78 2.49 25.81
N VAL A 24 -14.53 3.19 24.71
CA VAL A 24 -14.40 2.58 23.39
C VAL A 24 -12.92 2.32 23.10
N SER A 25 -12.59 1.09 22.73
CA SER A 25 -11.20 0.72 22.44
C SER A 25 -11.03 0.28 21.00
N LEU A 26 -10.19 1.01 20.25
CA LEU A 26 -9.95 0.75 18.84
C LEU A 26 -8.51 0.29 18.64
N VAL A 27 -8.35 -1.00 18.33
CA VAL A 27 -7.05 -1.61 18.14
C VAL A 27 -6.81 -1.75 16.64
N TYR A 28 -5.71 -1.20 16.15
CA TYR A 28 -5.46 -1.18 14.70
C TYR A 28 -3.98 -1.30 14.32
N ILE A 29 -3.76 -1.58 13.04
CA ILE A 29 -2.44 -1.40 12.41
C ILE A 29 -2.63 -0.63 11.10
N SER A 30 -1.64 0.20 10.78
CA SER A 30 -1.68 0.99 9.56
C SER A 30 -0.25 1.09 9.04
N LEU A 31 -0.03 0.57 7.83
CA LEU A 31 1.30 0.54 7.25
C LEU A 31 1.56 1.73 6.33
N SER A 32 0.52 2.17 5.62
CA SER A 32 0.67 3.32 4.72
C SER A 32 -0.24 4.49 5.11
N GLY A 33 -0.92 4.37 6.25
CA GLY A 33 -1.70 5.48 6.80
C GLY A 33 -3.20 5.53 6.53
N ASN A 34 -3.70 4.61 5.71
CA ASN A 34 -5.14 4.61 5.38
C ASN A 34 -6.05 4.30 6.57
N THR A 35 -5.72 3.23 7.29
CA THR A 35 -6.49 2.81 8.47
C THR A 35 -6.30 3.81 9.60
N GLU A 36 -5.08 4.34 9.73
CA GLU A 36 -4.76 5.39 10.70
C GLU A 36 -5.68 6.61 10.49
N SER A 37 -5.79 7.03 9.23
CA SER A 37 -6.68 8.12 8.85
C SER A 37 -8.15 7.84 9.22
N PHE A 38 -8.62 6.64 8.89
CA PHE A 38 -9.99 6.26 9.23
C PHE A 38 -10.23 6.29 10.75
N VAL A 39 -9.32 5.70 11.51
CA VAL A 39 -9.44 5.66 12.98
C VAL A 39 -9.46 7.07 13.58
N ARG A 40 -8.61 7.94 13.03
CA ARG A 40 -8.58 9.34 13.47
C ARG A 40 -9.91 10.06 13.17
N ARG A 41 -10.39 9.95 11.93
CA ARG A 41 -11.65 10.60 11.55
C ARG A 41 -12.86 9.99 12.27
N LEU A 42 -12.85 8.68 12.46
CA LEU A 42 -13.91 7.99 13.21
C LEU A 42 -14.00 8.50 14.66
N THR A 43 -12.84 8.67 15.29
CA THR A 43 -12.75 9.19 16.65
C THR A 43 -13.29 10.62 16.72
N ASP A 44 -12.88 11.46 15.76
CA ASP A 44 -13.39 12.84 15.68
C ASP A 44 -14.90 12.85 15.53
N TYR A 45 -15.44 11.95 14.71
CA TYR A 45 -16.88 11.87 14.51
C TYR A 45 -17.60 11.45 15.80
N LEU A 46 -17.08 10.41 16.45
CA LEU A 46 -17.66 9.91 17.70
C LEU A 46 -17.70 10.98 18.81
N LEU A 47 -16.62 11.74 18.94
CA LEU A 47 -16.54 12.82 19.93
C LEU A 47 -17.45 14.00 19.58
N GLU A 48 -17.61 14.28 18.28
CA GLU A 48 -18.59 15.27 17.82
C GLU A 48 -20.00 14.87 18.26
N GLN A 49 -20.33 13.59 18.10
CA GLN A 49 -21.65 13.09 18.48
C GLN A 49 -21.78 12.89 20.00
N HIS A 50 -20.69 12.50 20.65
CA HIS A 50 -20.71 12.20 22.09
C HIS A 50 -19.52 12.81 22.77
N PRO A 51 -19.60 14.11 23.10
CA PRO A 51 -18.45 14.86 23.63
C PRO A 51 -17.72 14.22 24.82
N SER A 52 -18.44 13.50 25.68
CA SER A 52 -17.83 12.95 26.91
C SER A 52 -17.28 11.52 26.75
N LEU A 53 -17.43 10.95 25.55
CA LEU A 53 -17.05 9.57 25.27
C LEU A 53 -15.54 9.37 25.44
N GLU A 54 -15.15 8.30 26.12
CA GLU A 54 -13.73 7.93 26.22
C GLU A 54 -13.37 6.99 25.08
N VAL A 55 -12.50 7.43 24.18
CA VAL A 55 -12.06 6.62 23.04
C VAL A 55 -10.56 6.39 23.13
N GLU A 56 -10.17 5.13 23.25
CA GLU A 56 -8.77 4.72 23.34
C GLU A 56 -8.34 4.12 22.00
N LYS A 57 -7.22 4.61 21.46
CA LYS A 57 -6.64 4.04 20.25
C LYS A 57 -5.36 3.30 20.63
N ILE A 58 -5.25 2.07 20.15
CA ILE A 58 -4.03 1.28 20.35
C ILE A 58 -3.47 0.89 18.98
N HIS A 59 -2.32 1.47 18.65
CA HIS A 59 -1.66 1.18 17.38
C HIS A 59 -0.61 0.12 17.57
N ILE A 60 -0.90 -1.06 17.06
CA ILE A 60 -0.05 -2.25 17.23
C ILE A 60 1.37 -2.01 16.70
N LYS A 61 1.48 -1.36 15.55
CA LYS A 61 2.77 -0.98 14.96
C LYS A 61 3.64 -0.21 15.96
N ASP A 62 3.04 0.73 16.67
CA ASP A 62 3.74 1.53 17.68
C ASP A 62 4.17 0.74 18.91
N LEU A 63 3.36 -0.24 19.31
CA LEU A 63 3.73 -1.13 20.41
C LEU A 63 4.94 -1.98 20.05
N VAL A 64 4.96 -2.48 18.81
CA VAL A 64 6.04 -3.34 18.32
C VAL A 64 7.35 -2.54 18.13
N LYS A 65 7.27 -1.42 17.42
CA LYS A 65 8.45 -0.58 17.12
C LYS A 65 9.11 -0.03 18.38
N GLU A 66 8.29 0.39 19.35
CA GLU A 66 8.79 0.91 20.63
C GLU A 66 9.16 -0.21 21.60
N ARG A 67 9.16 -1.45 21.10
CA ARG A 67 9.54 -2.65 21.86
C ARG A 67 8.78 -2.80 23.19
N GLN A 68 7.47 -2.61 23.12
CA GLN A 68 6.59 -2.77 24.29
C GLN A 68 5.93 -4.15 24.25
N PRO A 69 5.70 -4.76 25.44
CA PRO A 69 5.12 -6.10 25.46
C PRO A 69 3.63 -6.09 25.14
N PHE A 70 3.10 -7.23 24.69
CA PHE A 70 1.65 -7.41 24.55
C PHE A 70 1.02 -7.57 25.93
N PHE A 71 -0.28 -7.26 26.03
CA PHE A 71 -1.01 -7.29 27.30
C PHE A 71 -2.45 -7.72 27.10
N GLU A 72 -3.12 -8.06 28.19
CA GLU A 72 -4.53 -8.41 28.15
C GLU A 72 -5.40 -7.18 28.31
N MET A 73 -6.41 -7.06 27.45
CA MET A 73 -7.35 -5.95 27.48
C MET A 73 -8.34 -6.08 28.63
N ASP A 74 -8.61 -4.97 29.31
CA ASP A 74 -9.58 -4.92 30.40
C ASP A 74 -10.95 -4.49 29.88
N ASN A 75 -11.00 -4.14 28.61
CA ASN A 75 -12.16 -3.54 27.99
C ASN A 75 -12.41 -4.18 26.62
N PRO A 76 -13.69 -4.46 26.28
CA PRO A 76 -14.03 -4.93 24.93
C PRO A 76 -13.54 -3.97 23.85
N PHE A 77 -13.09 -4.51 22.72
CA PHE A 77 -12.45 -3.71 21.68
C PHE A 77 -12.82 -4.16 20.26
N ILE A 78 -12.62 -3.24 19.30
CA ILE A 78 -12.80 -3.54 17.89
C ILE A 78 -11.45 -3.48 17.18
N ALA A 79 -11.19 -4.48 16.34
CA ALA A 79 -9.95 -4.57 15.57
C ALA A 79 -10.11 -3.98 14.16
N PHE A 80 -9.14 -3.16 13.74
CA PHE A 80 -9.10 -2.63 12.38
C PHE A 80 -7.89 -3.20 11.66
N LEU A 81 -8.15 -3.89 10.54
CA LEU A 81 -7.14 -4.71 9.87
C LEU A 81 -7.12 -4.41 8.37
N PRO A 82 -6.10 -3.68 7.89
CA PRO A 82 -5.94 -3.55 6.46
C PRO A 82 -5.46 -4.89 5.89
N THR A 83 -5.62 -5.06 4.58
CA THR A 83 -5.37 -6.33 3.93
C THR A 83 -4.05 -6.33 3.18
N TYR A 84 -3.13 -7.21 3.60
CA TYR A 84 -1.88 -7.43 2.89
C TYR A 84 -1.64 -8.92 2.74
N LEU A 85 -1.61 -9.39 1.49
CA LEU A 85 -1.46 -10.80 1.19
C LEU A 85 -0.26 -11.04 0.28
N GLU A 86 0.41 -12.18 0.45
CA GLU A 86 1.61 -12.51 -0.35
C GLU A 86 1.36 -12.37 -1.85
N GLY A 87 0.17 -12.81 -2.29
CA GLY A 87 -0.24 -12.70 -3.68
C GLY A 87 0.58 -13.57 -4.61
N GLY A 88 0.65 -13.14 -5.88
CA GLY A 88 1.42 -13.83 -6.91
C GLY A 88 1.10 -15.30 -7.04
N ASN A 89 2.15 -16.12 -7.11
CA ASN A 89 2.01 -17.57 -7.14
C ASN A 89 2.34 -18.19 -5.77
N GLY A 90 1.91 -17.51 -4.72
CA GLY A 90 2.10 -18.00 -3.35
C GLY A 90 1.16 -19.14 -3.00
N VAL A 91 1.55 -19.92 -2.00
CA VAL A 91 0.78 -21.07 -1.52
C VAL A 91 -0.66 -20.67 -1.18
N ASP A 92 -1.60 -21.59 -1.42
CA ASP A 92 -3.04 -21.38 -1.19
C ASP A 92 -3.56 -20.10 -1.86
N ASN A 93 -3.40 -20.04 -3.18
CA ASN A 93 -3.85 -18.92 -4.02
C ASN A 93 -3.31 -17.55 -3.63
N GLY A 94 -2.14 -17.53 -2.99
CA GLY A 94 -1.52 -16.30 -2.51
C GLY A 94 -2.25 -15.63 -1.36
N ASP A 95 -3.03 -16.43 -0.61
CA ASP A 95 -3.88 -15.92 0.46
C ASP A 95 -3.19 -15.95 1.84
N VAL A 96 -1.87 -15.87 1.85
CA VAL A 96 -1.11 -15.83 3.10
C VAL A 96 -0.94 -14.37 3.55
N GLU A 97 -1.41 -14.08 4.76
CA GLU A 97 -1.27 -12.77 5.39
C GLU A 97 0.21 -12.40 5.58
N ILE A 98 0.56 -11.17 5.20
CA ILE A 98 1.88 -10.60 5.48
C ILE A 98 1.73 -9.24 6.17
N LEU A 99 2.79 -8.80 6.85
CA LEU A 99 2.91 -7.45 7.42
C LEU A 99 1.98 -7.07 8.59
N THR A 100 0.84 -7.74 8.70
CA THR A 100 -0.17 -7.38 9.69
C THR A 100 -0.31 -8.39 10.83
N THR A 101 0.55 -9.41 10.82
CA THR A 101 0.37 -10.57 11.72
C THR A 101 0.49 -10.26 13.22
N ASP A 102 1.11 -9.13 13.56
CA ASP A 102 1.22 -8.69 14.96
C ASP A 102 -0.15 -8.37 15.58
N VAL A 103 -1.11 -7.96 14.75
CA VAL A 103 -2.49 -7.75 15.19
C VAL A 103 -3.09 -9.08 15.64
N GLY A 104 -2.92 -10.11 14.81
CA GLY A 104 -3.35 -11.46 15.14
C GLY A 104 -2.72 -11.97 16.42
N ASP A 105 -1.44 -11.65 16.61
CA ASP A 105 -0.72 -12.05 17.82
C ASP A 105 -1.29 -11.39 19.06
N PHE A 106 -1.60 -10.11 18.95
CA PHE A 106 -2.18 -9.35 20.05
C PHE A 106 -3.53 -9.93 20.45
N ILE A 107 -4.35 -10.26 19.45
CA ILE A 107 -5.66 -10.85 19.69
C ILE A 107 -5.52 -12.26 20.31
N ALA A 108 -4.56 -13.04 19.81
CA ALA A 108 -4.32 -14.40 20.32
C ALA A 108 -3.70 -14.45 21.73
N TYR A 109 -3.29 -13.28 22.23
CA TYR A 109 -2.65 -13.17 23.55
C TYR A 109 -3.65 -13.25 24.69
N GLY A 110 -3.41 -14.18 25.61
CA GLY A 110 -4.30 -14.37 26.77
C GLY A 110 -5.74 -14.57 26.34
N GLN A 111 -6.64 -13.83 26.97
CA GLN A 111 -8.06 -13.91 26.64
C GLN A 111 -8.56 -12.72 25.80
N ASN A 112 -7.67 -12.13 25.02
CA ASN A 112 -8.02 -10.99 24.17
C ASN A 112 -9.09 -11.33 23.12
N ALA A 113 -9.05 -12.54 22.58
CA ALA A 113 -10.03 -12.98 21.58
C ALA A 113 -11.46 -12.90 22.12
N SER A 114 -11.66 -13.29 23.38
CA SER A 114 -12.97 -13.22 24.01
C SER A 114 -13.41 -11.78 24.27
N LYS A 115 -12.45 -10.85 24.21
CA LYS A 115 -12.71 -9.42 24.43
C LYS A 115 -12.93 -8.64 23.12
N CYS A 116 -12.68 -9.30 21.99
CA CYS A 116 -12.84 -8.64 20.70
C CYS A 116 -14.29 -8.68 20.21
N LEU A 117 -14.88 -7.50 20.03
CA LEU A 117 -16.25 -7.38 19.56
C LEU A 117 -16.40 -7.73 18.07
N GLY A 118 -15.29 -7.62 17.34
CA GLY A 118 -15.30 -7.92 15.91
C GLY A 118 -14.17 -7.23 15.20
N VAL A 119 -14.08 -7.49 13.91
CA VAL A 119 -13.02 -6.90 13.09
C VAL A 119 -13.61 -6.06 11.95
N ILE A 120 -12.91 -4.97 11.63
CA ILE A 120 -13.26 -4.14 10.49
C ILE A 120 -12.10 -4.16 9.49
N GLY A 121 -12.40 -4.55 8.26
CA GLY A 121 -11.37 -4.67 7.23
C GLY A 121 -11.23 -3.42 6.37
N SER A 122 -9.99 -3.15 5.95
CA SER A 122 -9.66 -2.08 5.02
C SER A 122 -8.97 -2.73 3.83
N GLY A 123 -9.35 -2.33 2.61
CA GLY A 123 -8.73 -2.93 1.43
C GLY A 123 -8.93 -2.14 0.16
N ASN A 124 -8.74 -2.82 -0.96
CA ASN A 124 -8.81 -2.22 -2.28
C ASN A 124 -9.63 -3.15 -3.18
N ARG A 125 -10.74 -2.63 -3.71
CA ARG A 125 -11.69 -3.43 -4.52
C ARG A 125 -11.07 -4.04 -5.78
N ASN A 126 -9.97 -3.46 -6.24
CA ASN A 126 -9.24 -4.03 -7.38
C ASN A 126 -8.63 -5.40 -7.11
N PHE A 127 -8.56 -5.79 -5.84
CA PHE A 127 -8.11 -7.13 -5.47
C PHE A 127 -9.21 -8.18 -5.56
N ASN A 128 -10.38 -7.76 -6.07
CA ASN A 128 -11.48 -8.66 -6.43
C ASN A 128 -11.86 -9.61 -5.28
N ASN A 129 -11.68 -10.93 -5.48
CA ASN A 129 -12.09 -11.91 -4.47
C ASN A 129 -11.22 -11.90 -3.21
N GLN A 130 -10.09 -11.20 -3.27
CA GLN A 130 -9.20 -11.06 -2.11
CA GLN A 130 -9.19 -11.06 -2.13
C GLN A 130 -9.47 -9.77 -1.33
N TYR A 131 -10.51 -9.04 -1.73
CA TYR A 131 -10.91 -7.81 -1.03
C TYR A 131 -11.20 -8.07 0.44
N CYS A 132 -10.44 -7.40 1.31
CA CYS A 132 -10.54 -7.53 2.77
C CYS A 132 -10.54 -8.98 3.27
N LEU A 133 -9.73 -9.82 2.63
CA LEU A 133 -9.72 -11.24 2.97
C LEU A 133 -9.23 -11.51 4.40
N THR A 134 -8.22 -10.76 4.83
CA THR A 134 -7.61 -10.99 6.15
C THR A 134 -8.63 -10.85 7.30
N ALA A 135 -9.51 -9.86 7.24
CA ALA A 135 -10.57 -9.70 8.24
C ALA A 135 -11.41 -10.96 8.39
N LYS A 136 -11.80 -11.57 7.26
CA LYS A 136 -12.56 -12.83 7.26
C LYS A 136 -11.76 -14.00 7.82
N GLN A 137 -10.46 -14.03 7.52
CA GLN A 137 -9.56 -15.02 8.11
C GLN A 137 -9.53 -14.89 9.64
N TYR A 138 -9.39 -13.65 10.15
CA TYR A 138 -9.42 -13.39 11.59
C TYR A 138 -10.75 -13.80 12.21
N SER A 139 -11.85 -13.42 11.57
CA SER A 139 -13.20 -13.83 11.98
C SER A 139 -13.35 -15.35 12.10
N GLU A 140 -12.88 -16.07 11.09
CA GLU A 140 -12.99 -17.54 11.06
C GLU A 140 -12.14 -18.19 12.14
N ARG A 141 -10.98 -17.61 12.41
CA ARG A 141 -10.07 -18.16 13.41
C ARG A 141 -10.55 -17.92 14.84
N PHE A 142 -10.96 -16.69 15.13
CA PHE A 142 -11.29 -16.29 16.50
C PHE A 142 -12.78 -16.36 16.85
N GLY A 143 -13.65 -16.35 15.85
CA GLY A 143 -15.08 -16.51 16.08
C GLY A 143 -15.88 -15.24 16.30
N PHE A 144 -15.23 -14.08 16.22
CA PHE A 144 -15.96 -12.82 16.22
C PHE A 144 -16.37 -12.45 14.79
N PRO A 145 -17.37 -11.55 14.64
CA PRO A 145 -17.79 -11.27 13.25
C PRO A 145 -16.91 -10.23 12.55
N VAL A 146 -17.01 -10.18 11.22
CA VAL A 146 -16.57 -9.01 10.46
C VAL A 146 -17.70 -7.99 10.56
N LEU A 147 -17.43 -6.87 11.23
CA LEU A 147 -18.46 -5.86 11.50
C LEU A 147 -18.74 -4.97 10.27
N ALA A 148 -17.71 -4.74 9.47
CA ALA A 148 -17.79 -3.85 8.31
C ALA A 148 -16.47 -3.91 7.55
N ASP A 149 -16.50 -3.47 6.30
CA ASP A 149 -15.29 -3.25 5.51
C ASP A 149 -15.35 -1.88 4.84
N PHE A 150 -14.19 -1.28 4.60
CA PHE A 150 -14.12 -0.04 3.82
C PHE A 150 -12.91 -0.04 2.88
N GLU A 151 -12.99 0.78 1.83
CA GLU A 151 -11.91 0.91 0.85
C GLU A 151 -10.92 2.00 1.22
N MET A 152 -9.64 1.62 1.32
CA MET A 152 -8.54 2.54 1.57
C MET A 152 -8.78 3.45 2.79
N ARG A 153 -8.86 4.76 2.59
CA ARG A 153 -9.11 5.69 3.71
C ARG A 153 -10.57 5.66 4.21
N GLY A 154 -11.46 5.11 3.41
CA GLY A 154 -12.89 5.10 3.72
C GLY A 154 -13.53 6.45 3.45
N MET A 155 -14.86 6.45 3.32
CA MET A 155 -15.60 7.68 3.08
C MET A 155 -16.45 8.06 4.29
N LEU A 156 -17.14 9.19 4.20
CA LEU A 156 -18.01 9.64 5.28
C LEU A 156 -19.07 8.58 5.63
N GLY A 157 -19.65 7.96 4.59
CA GLY A 157 -20.64 6.90 4.77
C GLY A 157 -20.13 5.75 5.63
N ASP A 158 -18.86 5.39 5.43
CA ASP A 158 -18.21 4.35 6.23
C ASP A 158 -17.99 4.79 7.68
N ILE A 159 -17.56 6.04 7.87
CA ILE A 159 -17.40 6.63 9.19
C ILE A 159 -18.72 6.53 9.98
N LYS A 160 -19.80 7.01 9.36
CA LYS A 160 -21.11 7.01 10.01
C LYS A 160 -21.61 5.61 10.34
N LYS A 161 -21.40 4.67 9.41
CA LYS A 161 -21.81 3.28 9.62
C LYS A 161 -21.07 2.64 10.81
N VAL A 162 -19.74 2.77 10.82
CA VAL A 162 -18.94 2.19 11.89
C VAL A 162 -19.24 2.86 13.24
N ALA A 163 -19.46 4.17 13.21
CA ALA A 163 -19.89 4.88 14.41
C ALA A 163 -21.21 4.31 14.97
N GLY A 164 -22.16 4.03 14.10
CA GLY A 164 -23.44 3.42 14.50
C GLY A 164 -23.27 2.04 15.13
N ILE A 165 -22.41 1.23 14.52
CA ILE A 165 -22.07 -0.11 15.02
C ILE A 165 -21.45 -0.01 16.42
N ILE A 166 -20.54 0.94 16.58
CA ILE A 166 -19.89 1.20 17.88
C ILE A 166 -20.90 1.62 18.95
N GLU A 167 -21.84 2.49 18.58
CA GLU A 167 -22.90 2.93 19.49
C GLU A 167 -23.78 1.76 19.93
N GLU A 168 -24.10 0.87 18.99
CA GLU A 168 -24.87 -0.34 19.31
C GLU A 168 -24.10 -1.26 20.25
N LEU A 169 -22.83 -1.50 19.92
CA LEU A 169 -22.00 -2.47 20.63
C LEU A 169 -21.61 -2.04 22.04
N TYR A 170 -21.44 -0.74 22.23
CA TYR A 170 -21.09 -0.18 23.53
C TYR A 170 -22.28 0.44 24.27
N HIS A 171 -23.47 0.32 23.67
CA HIS A 171 -24.72 0.83 24.25
C HIS A 171 -24.68 2.32 24.53
N ILE A 172 -24.24 3.08 23.54
CA ILE A 172 -24.13 4.54 23.65
C ILE A 172 -25.43 5.18 23.16
N GLU A 173 -25.99 6.05 24.00
CA GLU A 173 -27.22 6.79 23.69
C GLU A 173 -27.05 7.69 22.48
N LYS A 174 -27.95 7.56 21.51
CA LYS A 174 -27.91 8.36 20.29
C LYS A 174 -28.55 9.73 20.51
N THR B 22 11.93 6.84 -31.33
CA THR B 22 10.52 6.67 -31.81
C THR B 22 9.65 5.81 -30.87
N LYS B 23 10.30 4.95 -30.08
CA LYS B 23 9.57 4.08 -29.15
C LYS B 23 9.96 4.26 -27.68
N VAL B 24 8.97 4.63 -26.86
CA VAL B 24 9.16 4.85 -25.43
C VAL B 24 8.77 3.58 -24.67
N SER B 25 9.64 3.15 -23.75
CA SER B 25 9.39 1.94 -22.96
C SER B 25 9.38 2.23 -21.46
N LEU B 26 8.27 1.88 -20.82
CA LEU B 26 8.07 2.14 -19.39
C LEU B 26 7.91 0.81 -18.66
N VAL B 27 8.94 0.44 -17.92
CA VAL B 27 8.94 -0.81 -17.16
C VAL B 27 8.63 -0.47 -15.71
N TYR B 28 7.61 -1.14 -15.15
CA TYR B 28 7.14 -0.81 -13.80
C TYR B 28 6.64 -2.01 -13.01
N ILE B 29 6.53 -1.80 -11.70
CA ILE B 29 5.76 -2.67 -10.82
C ILE B 29 4.79 -1.80 -10.01
N SER B 30 3.61 -2.32 -9.74
CA SER B 30 2.62 -1.61 -8.94
C SER B 30 1.89 -2.62 -8.08
N LEU B 31 2.01 -2.47 -6.77
CA LEU B 31 1.40 -3.42 -5.86
C LEU B 31 0.02 -2.98 -5.38
N SER B 32 -0.18 -1.66 -5.23
CA SER B 32 -1.49 -1.17 -4.78
C SER B 32 -2.18 -0.28 -5.82
N GLY B 33 -1.53 -0.08 -6.97
CA GLY B 33 -2.15 0.64 -8.09
C GLY B 33 -1.71 2.08 -8.34
N ASN B 34 -0.89 2.63 -7.44
CA ASN B 34 -0.45 4.02 -7.56
C ASN B 34 0.47 4.27 -8.75
N THR B 35 1.51 3.45 -8.86
CA THR B 35 2.46 3.53 -9.98
C THR B 35 1.77 3.15 -11.29
N GLU B 36 0.87 2.18 -11.24
CA GLU B 36 0.05 1.83 -12.40
C GLU B 36 -0.77 3.02 -12.92
N SER B 37 -1.43 3.71 -12.00
CA SER B 37 -2.19 4.91 -12.32
C SER B 37 -1.30 5.96 -12.99
N PHE B 38 -0.14 6.23 -12.40
CA PHE B 38 0.77 7.23 -12.92
C PHE B 38 1.20 6.87 -14.34
N VAL B 39 1.59 5.61 -14.55
CA VAL B 39 2.01 5.14 -15.87
C VAL B 39 0.89 5.27 -16.91
N ARG B 40 -0.33 4.86 -16.53
CA ARG B 40 -1.51 5.04 -17.39
C ARG B 40 -1.72 6.51 -17.80
N ARG B 41 -1.71 7.40 -16.82
CA ARG B 41 -1.93 8.84 -17.06
C ARG B 41 -0.79 9.50 -17.84
N LEU B 42 0.45 9.12 -17.53
CA LEU B 42 1.62 9.60 -18.25
C LEU B 42 1.54 9.23 -19.74
N THR B 43 1.21 7.96 -20.01
CA THR B 43 1.00 7.49 -21.38
C THR B 43 -0.09 8.29 -22.09
N ASP B 44 -1.23 8.49 -21.42
CA ASP B 44 -2.31 9.31 -21.97
C ASP B 44 -1.81 10.70 -22.36
N TYR B 45 -1.04 11.31 -21.45
CA TYR B 45 -0.53 12.66 -21.66
C TYR B 45 0.47 12.70 -22.82
N LEU B 46 1.39 11.74 -22.87
CA LEU B 46 2.34 11.63 -23.97
C LEU B 46 1.67 11.48 -25.33
N LEU B 47 0.63 10.65 -25.40
CA LEU B 47 -0.10 10.43 -26.65
C LEU B 47 -0.93 11.65 -27.08
N GLU B 48 -1.42 12.40 -26.09
CA GLU B 48 -2.13 13.63 -26.33
C GLU B 48 -1.19 14.67 -26.96
N GLN B 49 0.04 14.73 -26.45
CA GLN B 49 1.06 15.64 -26.97
C GLN B 49 1.70 15.13 -28.27
N HIS B 50 1.87 13.81 -28.37
CA HIS B 50 2.52 13.19 -29.52
C HIS B 50 1.73 12.00 -30.00
N PRO B 51 0.68 12.24 -30.81
CA PRO B 51 -0.25 11.19 -31.26
C PRO B 51 0.39 9.96 -31.90
N SER B 52 1.48 10.14 -32.65
CA SER B 52 2.13 9.01 -33.33
C SER B 52 3.17 8.27 -32.48
N LEU B 53 3.38 8.73 -31.24
CA LEU B 53 4.39 8.17 -30.35
C LEU B 53 4.01 6.75 -29.92
N GLU B 54 4.93 5.81 -30.08
CA GLU B 54 4.69 4.46 -29.59
C GLU B 54 5.20 4.35 -28.15
N VAL B 55 4.27 4.05 -27.25
CA VAL B 55 4.60 3.89 -25.84
C VAL B 55 4.19 2.48 -25.44
N GLU B 56 5.16 1.69 -25.00
CA GLU B 56 4.88 0.37 -24.47
C GLU B 56 5.04 0.35 -22.95
N LYS B 57 4.11 -0.32 -22.29
CA LYS B 57 4.17 -0.51 -20.85
C LYS B 57 4.49 -1.98 -20.57
N ILE B 58 5.45 -2.22 -19.69
CA ILE B 58 5.78 -3.57 -19.25
C ILE B 58 5.60 -3.66 -17.75
N HIS B 59 4.62 -4.44 -17.32
CA HIS B 59 4.33 -4.62 -15.90
C HIS B 59 5.00 -5.87 -15.39
N ILE B 60 6.05 -5.68 -14.60
CA ILE B 60 6.87 -6.78 -14.08
C ILE B 60 6.06 -7.80 -13.27
N LYS B 61 5.11 -7.31 -12.48
CA LYS B 61 4.22 -8.18 -11.70
C LYS B 61 3.50 -9.21 -12.57
N ASP B 62 3.06 -8.79 -13.76
CA ASP B 62 2.37 -9.67 -14.71
C ASP B 62 3.28 -10.75 -15.29
N LEU B 63 4.53 -10.38 -15.60
CA LEU B 63 5.54 -11.33 -16.10
C LEU B 63 5.83 -12.43 -15.06
N VAL B 64 5.96 -12.02 -13.81
CA VAL B 64 6.25 -12.95 -12.71
C VAL B 64 5.03 -13.83 -12.41
N LYS B 65 3.85 -13.22 -12.36
CA LYS B 65 2.57 -13.93 -12.15
C LYS B 65 2.39 -15.05 -13.17
N GLU B 66 2.74 -14.78 -14.42
CA GLU B 66 2.54 -15.72 -15.53
C GLU B 66 3.75 -16.65 -15.74
N ARG B 67 4.72 -16.56 -14.83
CA ARG B 67 5.97 -17.36 -14.89
C ARG B 67 6.75 -17.18 -16.20
N GLN B 68 6.50 -16.06 -16.89
CA GLN B 68 7.16 -15.74 -18.14
C GLN B 68 8.59 -15.30 -17.89
N PRO B 69 9.53 -15.69 -18.78
CA PRO B 69 10.94 -15.37 -18.58
C PRO B 69 11.23 -13.88 -18.76
N PHE B 70 12.27 -13.39 -18.10
CA PHE B 70 12.75 -12.04 -18.33
C PHE B 70 13.50 -11.96 -19.65
N PHE B 71 13.03 -11.09 -20.53
CA PHE B 71 13.58 -10.94 -21.87
C PHE B 71 14.49 -9.73 -21.97
N GLU B 72 15.37 -9.76 -22.97
CA GLU B 72 16.22 -8.62 -23.31
C GLU B 72 15.37 -7.55 -24.00
N MET B 73 15.52 -6.30 -23.58
CA MET B 73 14.77 -5.19 -24.16
C MET B 73 15.31 -4.82 -25.54
N ASP B 74 14.42 -4.40 -26.43
CA ASP B 74 14.81 -3.93 -27.77
C ASP B 74 15.46 -2.55 -27.72
N ASN B 75 14.98 -1.71 -26.80
CA ASN B 75 15.35 -0.30 -26.78
C ASN B 75 15.48 0.26 -25.36
N PRO B 76 16.04 1.49 -25.23
CA PRO B 76 16.18 2.14 -23.92
C PRO B 76 14.83 2.31 -23.21
N PHE B 77 14.85 2.19 -21.89
CA PHE B 77 13.62 2.23 -21.09
C PHE B 77 13.80 2.98 -19.77
N ILE B 78 12.68 3.36 -19.16
CA ILE B 78 12.68 3.96 -17.83
C ILE B 78 11.99 3.01 -16.87
N ALA B 79 12.59 2.80 -15.70
CA ALA B 79 12.01 1.99 -14.65
C ALA B 79 11.21 2.82 -13.65
N PHE B 80 10.02 2.34 -13.29
CA PHE B 80 9.19 2.99 -12.26
C PHE B 80 9.10 2.05 -11.05
N LEU B 81 9.51 2.58 -9.90
CA LEU B 81 9.74 1.74 -8.72
C LEU B 81 9.12 2.36 -7.48
N PRO B 82 7.98 1.82 -7.02
CA PRO B 82 7.43 2.26 -5.74
C PRO B 82 8.32 1.73 -4.60
N THR B 83 8.16 2.30 -3.41
CA THR B 83 9.06 2.01 -2.31
C THR B 83 8.39 1.12 -1.26
N TYR B 84 8.98 -0.05 -1.03
CA TYR B 84 8.54 -0.96 0.03
C TYR B 84 9.76 -1.47 0.79
N LEU B 85 9.83 -1.10 2.07
CA LEU B 85 11.00 -1.35 2.92
C LEU B 85 10.62 -2.07 4.21
N GLU B 86 11.57 -2.81 4.77
CA GLU B 86 11.40 -3.48 6.05
C GLU B 86 12.31 -2.84 7.09
N ASP B 92 14.97 5.07 10.14
CA ASP B 92 13.93 4.74 11.10
C ASP B 92 12.93 3.73 10.54
N ASN B 93 12.73 3.78 9.22
CA ASN B 93 11.80 2.88 8.53
C ASN B 93 12.52 1.72 7.81
N GLY B 94 13.80 1.55 8.09
CA GLY B 94 14.60 0.45 7.53
C GLY B 94 15.18 0.72 6.16
N ASP B 95 15.98 -0.23 5.66
CA ASP B 95 16.64 -0.08 4.37
C ASP B 95 16.62 -1.36 3.53
N VAL B 96 15.82 -2.34 3.95
CA VAL B 96 15.75 -3.61 3.24
C VAL B 96 14.55 -3.64 2.30
N GLU B 97 14.83 -3.74 1.00
CA GLU B 97 13.78 -3.78 -0.03
C GLU B 97 12.95 -5.03 0.10
N ILE B 98 11.63 -4.86 0.07
CA ILE B 98 10.71 -6.00 -0.01
C ILE B 98 9.75 -5.82 -1.18
N LEU B 99 9.16 -6.93 -1.64
CA LEU B 99 8.05 -6.93 -2.59
C LEU B 99 8.33 -6.50 -4.03
N THR B 100 9.36 -5.68 -4.24
CA THR B 100 9.65 -5.11 -5.55
C THR B 100 10.92 -5.66 -6.20
N THR B 101 11.55 -6.65 -5.58
CA THR B 101 12.88 -7.13 -6.04
C THR B 101 12.89 -7.71 -7.46
N ASP B 102 11.73 -8.12 -7.97
CA ASP B 102 11.62 -8.61 -9.35
C ASP B 102 12.02 -7.57 -10.41
N VAL B 103 11.84 -6.28 -10.09
CA VAL B 103 12.28 -5.20 -10.97
C VAL B 103 13.81 -5.21 -11.09
N GLY B 104 14.47 -5.32 -9.94
CA GLY B 104 15.93 -5.44 -9.87
C GLY B 104 16.47 -6.61 -10.67
N ASP B 105 15.79 -7.75 -10.58
CA ASP B 105 16.13 -8.94 -11.36
C ASP B 105 15.99 -8.71 -12.85
N PHE B 106 14.94 -7.98 -13.24
CA PHE B 106 14.71 -7.67 -14.65
C PHE B 106 15.79 -6.76 -15.23
N ILE B 107 16.20 -5.75 -14.45
CA ILE B 107 17.26 -4.82 -14.86
C ILE B 107 18.65 -5.49 -14.86
N ALA B 108 18.90 -6.36 -13.88
CA ALA B 108 20.16 -7.08 -13.76
C ALA B 108 20.33 -8.16 -14.83
N TYR B 109 19.25 -8.43 -15.57
CA TYR B 109 19.27 -9.37 -16.68
C TYR B 109 19.97 -8.76 -17.91
N GLY B 110 20.82 -9.54 -18.55
CA GLY B 110 21.57 -9.09 -19.74
C GLY B 110 22.35 -7.81 -19.47
N GLN B 111 22.30 -6.90 -20.44
CA GLN B 111 22.85 -5.55 -20.26
C GLN B 111 21.74 -4.52 -20.16
N ASN B 112 20.62 -4.92 -19.54
CA ASN B 112 19.49 -4.01 -19.32
C ASN B 112 19.90 -2.78 -18.50
N ALA B 113 20.87 -2.95 -17.60
CA ALA B 113 21.41 -1.83 -16.82
C ALA B 113 21.99 -0.74 -17.71
N SER B 114 22.69 -1.16 -18.77
CA SER B 114 23.27 -0.22 -19.73
C SER B 114 22.20 0.48 -20.58
N LYS B 115 21.01 -0.13 -20.64
CA LYS B 115 19.92 0.39 -21.47
C LYS B 115 18.79 1.06 -20.67
N CYS B 116 18.89 0.97 -19.35
CA CYS B 116 17.97 1.71 -18.50
C CYS B 116 18.43 3.16 -18.40
N LEU B 117 17.57 4.07 -18.86
CA LEU B 117 17.86 5.50 -18.84
C LEU B 117 17.82 6.08 -17.43
N GLY B 118 17.20 5.36 -16.52
CA GLY B 118 17.09 5.82 -15.14
C GLY B 118 15.85 5.26 -14.47
N VAL B 119 15.72 5.57 -13.19
CA VAL B 119 14.60 5.08 -12.38
C VAL B 119 13.80 6.26 -11.85
N ILE B 120 12.49 6.07 -11.74
CA ILE B 120 11.60 7.05 -11.15
C ILE B 120 10.93 6.39 -9.96
N GLY B 121 11.07 6.99 -8.78
CA GLY B 121 10.52 6.44 -7.54
C GLY B 121 9.12 6.96 -7.22
N SER B 122 8.32 6.09 -6.61
CA SER B 122 7.03 6.46 -6.05
C SER B 122 7.12 6.16 -4.55
N GLY B 123 6.63 7.08 -3.72
CA GLY B 123 6.68 6.87 -2.28
C GLY B 123 5.66 7.67 -1.50
N ASN B 124 5.91 7.77 -0.20
CA ASN B 124 5.03 8.48 0.73
C ASN B 124 5.92 9.32 1.65
N ARG B 125 5.72 10.64 1.63
CA ARG B 125 6.58 11.57 2.38
C ARG B 125 6.58 11.34 3.89
N ASN B 126 5.53 10.69 4.41
CA ASN B 126 5.47 10.35 5.83
C ASN B 126 6.56 9.37 6.26
N PHE B 127 7.19 8.71 5.29
CA PHE B 127 8.32 7.81 5.58
C PHE B 127 9.63 8.56 5.77
N ASN B 128 9.52 9.89 5.74
CA ASN B 128 10.62 10.80 6.09
CA ASN B 128 10.62 10.80 6.08
C ASN B 128 11.91 10.49 5.32
N ASN B 129 12.97 10.10 6.04
CA ASN B 129 14.26 9.83 5.41
C ASN B 129 14.31 8.60 4.50
N GLN B 130 13.27 7.76 4.56
CA GLN B 130 13.16 6.60 3.67
C GLN B 130 12.28 6.86 2.44
N TYR B 131 11.91 8.12 2.22
CA TYR B 131 11.13 8.49 1.04
C TYR B 131 11.85 8.10 -0.24
N CYS B 132 11.20 7.25 -1.04
CA CYS B 132 11.73 6.77 -2.33
C CYS B 132 13.15 6.21 -2.25
N LEU B 133 13.47 5.53 -1.17
CA LEU B 133 14.82 5.02 -0.94
C LEU B 133 15.25 3.97 -1.96
N THR B 134 14.32 3.09 -2.32
CA THR B 134 14.60 1.98 -3.25
C THR B 134 15.14 2.46 -4.60
N ALA B 135 14.57 3.54 -5.13
CA ALA B 135 15.06 4.13 -6.39
C ALA B 135 16.54 4.47 -6.29
N LYS B 136 16.94 5.08 -5.16
CA LYS B 136 18.34 5.46 -4.94
C LYS B 136 19.24 4.24 -4.82
N GLN B 137 18.73 3.17 -4.21
CA GLN B 137 19.46 1.90 -4.11
C GLN B 137 19.73 1.31 -5.50
N TYR B 138 18.71 1.32 -6.36
CA TYR B 138 18.85 0.85 -7.74
C TYR B 138 19.85 1.69 -8.52
N SER B 139 19.77 3.01 -8.34
CA SER B 139 20.69 3.97 -8.96
C SER B 139 22.13 3.69 -8.56
N GLU B 140 22.35 3.46 -7.26
CA GLU B 140 23.68 3.15 -6.72
C GLU B 140 24.23 1.83 -7.24
N ARG B 141 23.35 0.85 -7.46
CA ARG B 141 23.75 -0.47 -7.93
C ARG B 141 24.02 -0.55 -9.44
N PHE B 142 23.15 0.05 -10.24
CA PHE B 142 23.25 -0.07 -11.70
C PHE B 142 23.93 1.11 -12.40
N GLY B 143 24.05 2.23 -11.70
CA GLY B 143 24.77 3.39 -12.24
C GLY B 143 23.97 4.36 -13.10
N PHE B 144 22.66 4.18 -13.19
CA PHE B 144 21.80 5.17 -13.86
C PHE B 144 21.25 6.18 -12.85
N PRO B 145 20.82 7.38 -13.30
CA PRO B 145 20.33 8.35 -12.32
C PRO B 145 18.93 8.04 -11.80
N VAL B 146 18.56 8.65 -10.67
CA VAL B 146 17.16 8.77 -10.29
C VAL B 146 16.63 9.98 -11.06
N LEU B 147 15.74 9.75 -12.01
CA LEU B 147 15.27 10.81 -12.90
C LEU B 147 14.29 11.75 -12.22
N ALA B 148 13.47 11.19 -11.33
CA ALA B 148 12.46 11.97 -10.59
C ALA B 148 11.83 11.07 -9.54
N ASP B 149 11.09 11.68 -8.62
CA ASP B 149 10.28 10.95 -7.64
C ASP B 149 8.89 11.58 -7.59
N PHE B 150 7.88 10.79 -7.24
CA PHE B 150 6.55 11.34 -6.99
C PHE B 150 5.88 10.64 -5.81
N GLU B 151 4.94 11.32 -5.19
CA GLU B 151 4.24 10.78 -4.04
C GLU B 151 2.95 10.08 -4.47
N MET B 152 2.82 8.82 -4.03
CA MET B 152 1.64 7.98 -4.30
C MET B 152 1.26 7.92 -5.79
N ARG B 153 0.05 8.32 -6.16
CA ARG B 153 -0.32 8.29 -7.59
C ARG B 153 0.24 9.47 -8.40
N GLY B 154 0.83 10.45 -7.72
CA GLY B 154 1.43 11.62 -8.37
C GLY B 154 0.39 12.61 -8.85
N MET B 155 0.81 13.85 -9.07
CA MET B 155 -0.10 14.91 -9.52
C MET B 155 0.19 15.33 -10.96
N LEU B 156 -0.61 16.25 -11.49
CA LEU B 156 -0.44 16.72 -12.87
C LEU B 156 0.98 17.26 -13.11
N GLY B 157 1.48 18.06 -12.17
CA GLY B 157 2.86 18.57 -12.25
C GLY B 157 3.90 17.47 -12.43
N ASP B 158 3.72 16.36 -11.74
CA ASP B 158 4.59 15.18 -11.87
C ASP B 158 4.50 14.55 -13.25
N ILE B 159 3.28 14.40 -13.77
CA ILE B 159 3.07 13.89 -15.12
C ILE B 159 3.83 14.73 -16.14
N LYS B 160 3.62 16.04 -16.08
CA LYS B 160 4.26 16.96 -17.02
C LYS B 160 5.79 16.93 -16.92
N LYS B 161 6.31 16.86 -15.69
CA LYS B 161 7.75 16.83 -15.47
C LYS B 161 8.37 15.59 -16.10
N VAL B 162 7.75 14.44 -15.85
CA VAL B 162 8.26 13.16 -16.37
C VAL B 162 8.10 13.09 -17.89
N ALA B 163 6.98 13.60 -18.41
CA ALA B 163 6.79 13.69 -19.85
C ALA B 163 7.92 14.51 -20.50
N GLY B 164 8.29 15.62 -19.86
CA GLY B 164 9.39 16.46 -20.34
C GLY B 164 10.73 15.76 -20.31
N ILE B 165 10.97 14.98 -19.25
CA ILE B 165 12.19 14.19 -19.11
C ILE B 165 12.26 13.13 -20.22
N ILE B 166 11.12 12.50 -20.49
CA ILE B 166 11.01 11.49 -21.54
C ILE B 166 11.30 12.09 -22.92
N GLU B 167 10.73 13.26 -23.19
CA GLU B 167 10.95 13.95 -24.45
C GLU B 167 12.43 14.28 -24.67
N GLU B 168 13.11 14.71 -23.61
CA GLU B 168 14.54 14.99 -23.66
C GLU B 168 15.37 13.73 -23.87
N LEU B 169 15.05 12.68 -23.12
CA LEU B 169 15.80 11.42 -23.19
C LEU B 169 15.61 10.67 -24.51
N TYR B 170 14.42 10.78 -25.10
CA TYR B 170 14.12 10.07 -26.35
C TYR B 170 14.20 10.96 -27.58
N HIS B 171 14.60 12.22 -27.38
CA HIS B 171 14.76 13.21 -28.46
C HIS B 171 13.48 13.39 -29.25
N ILE B 172 12.38 13.61 -28.53
CA ILE B 172 11.08 13.87 -29.13
C ILE B 172 10.86 15.37 -29.20
N GLU B 173 10.50 15.87 -30.37
CA GLU B 173 10.28 17.31 -30.56
C GLU B 173 9.04 17.81 -29.85
N LYS B 174 9.18 18.89 -29.10
CA LYS B 174 8.06 19.53 -28.40
C LYS B 174 7.23 20.39 -29.35
N1 FMN C . -6.31 -4.96 -0.44
C2 FMN C . -7.24 -5.98 -0.49
O2 FMN C . -8.44 -5.73 -0.37
N3 FMN C . -6.82 -7.28 -0.70
C4 FMN C . -5.47 -7.58 -0.85
O4 FMN C . -5.13 -8.76 -1.03
C4A FMN C . -4.53 -6.56 -0.79
N5 FMN C . -3.17 -6.82 -0.93
C5A FMN C . -2.25 -5.78 -0.88
C6 FMN C . -0.89 -6.05 -1.02
C7 FMN C . 0.06 -5.02 -0.98
C7M FMN C . 1.52 -5.38 -1.14
C8 FMN C . -0.37 -3.70 -0.78
C8M FMN C . 0.60 -2.55 -0.72
C9 FMN C . -1.73 -3.44 -0.64
C9A FMN C . -2.68 -4.47 -0.69
N10 FMN C . -4.05 -4.20 -0.54
C10 FMN C . -4.96 -5.25 -0.59
C1' FMN C . -4.56 -2.82 -0.32
C2' FMN C . -4.45 -2.34 1.13
O2' FMN C . -5.05 -3.26 2.03
C3' FMN C . -5.14 -0.99 1.27
O3' FMN C . -4.41 -0.02 0.53
C4' FMN C . -5.31 -0.54 2.72
O4' FMN C . -6.09 0.65 2.77
C5' FMN C . -3.97 -0.28 3.40
O5' FMN C . -4.19 0.30 4.66
P FMN C . -3.00 0.99 5.50
O1P FMN C . -2.59 2.26 4.78
O2P FMN C . -1.81 0.08 5.66
O3P FMN C . -3.53 1.37 6.86
S SO4 D . -5.06 11.97 6.89
O1 SO4 D . -4.13 10.85 6.60
O2 SO4 D . -6.04 12.10 5.78
O3 SO4 D . -5.79 11.70 8.15
O4 SO4 D . -4.29 13.22 7.02
N1 FMN E . 7.08 4.93 0.79
C2 FMN E . 8.33 5.50 0.94
O2 FMN E . 8.57 6.57 0.37
N3 FMN E . 9.30 4.87 1.71
C4 FMN E . 9.03 3.66 2.33
O4 FMN E . 9.90 3.11 3.02
C4A FMN E . 7.77 3.07 2.18
N5 FMN E . 7.48 1.87 2.80
C5A FMN E . 6.22 1.29 2.64
C6 FMN E . 5.92 0.07 3.27
C7 FMN E . 4.67 -0.50 3.12
C7M FMN E . 4.38 -1.81 3.80
C8 FMN E . 3.69 0.14 2.35
C8M FMN E . 2.30 -0.43 2.15
C9 FMN E . 3.99 1.35 1.73
C9A FMN E . 5.25 1.94 1.87
N10 FMN E . 5.55 3.15 1.25
C10 FMN E . 6.80 3.71 1.41
C1' FMN E . 4.54 3.88 0.41
C2' FMN E . 4.46 3.35 -1.02
O2' FMN E . 5.73 3.31 -1.64
C3' FMN E . 3.51 4.22 -1.86
O3' FMN E . 2.19 4.04 -1.40
C4' FMN E . 3.56 3.93 -3.36
O4' FMN E . 2.81 4.90 -4.07
C5' FMN E . 3.04 2.54 -3.69
O5' FMN E . 2.94 2.40 -5.09
P FMN E . 2.10 1.19 -5.74
O1P FMN E . 0.63 1.37 -5.40
O2P FMN E . 2.59 -0.14 -5.22
O3P FMN E . 2.27 1.25 -7.24
S SO4 F . -6.74 5.06 -11.51
O1 SO4 F . -6.05 3.92 -10.88
O2 SO4 F . -6.04 5.46 -12.76
O3 SO4 F . -8.13 4.68 -11.83
O4 SO4 F . -6.75 6.20 -10.56
#